data_3R2N
#
_entry.id   3R2N
#
_cell.length_a   56.840
_cell.length_b   79.740
_cell.length_c   104.540
_cell.angle_alpha   90.000
_cell.angle_beta   90.000
_cell.angle_gamma   90.000
#
_symmetry.space_group_name_H-M   'P 21 21 21'
#
loop_
_entity.id
_entity.type
_entity.pdbx_description
1 polymer 'Cytidine deaminase'
2 non-polymer 'ZINC ION'
3 non-polymer 1,2-ETHANEDIOL
4 non-polymer GLYCEROL
5 water water
#
_entity_poly.entity_id   1
_entity_poly.type   'polypeptide(L)'
_entity_poly.pdbx_seq_one_letter_code
;GPGSMGDVNWDTLQKAAVAARANSYAPYSNFPVGVAGFVNDGRLITGVNVENASYGLALCAECSMISALYATGGGRLVAV
YCVDGNGDSLMPCGRCRQLLYEHGGPELKIMTPKGVQTMAQLLPQAFNPQERIFGNDE
;
_entity_poly.pdbx_strand_id   A,B,C,D
#
# COMPACT_ATOMS: atom_id res chain seq x y z
N ASP A 7 31.30 -12.96 10.06
CA ASP A 7 30.14 -13.93 10.17
C ASP A 7 28.87 -13.19 10.60
N VAL A 8 27.74 -13.91 10.69
CA VAL A 8 26.51 -13.37 11.26
C VAL A 8 26.09 -14.13 12.52
N ASN A 9 25.80 -13.39 13.58
CA ASN A 9 25.24 -13.98 14.79
C ASN A 9 23.72 -13.95 14.75
N TRP A 10 23.13 -15.11 14.47
CA TRP A 10 21.70 -15.23 14.28
C TRP A 10 20.92 -15.17 15.59
N ASP A 11 21.52 -15.64 16.68
CA ASP A 11 20.85 -15.57 17.98
C ASP A 11 20.64 -14.09 18.40
N THR A 12 21.61 -13.25 18.07
CA THR A 12 21.57 -11.82 18.43
C THR A 12 20.41 -11.10 17.71
N LEU A 13 20.17 -11.48 16.45
CA LEU A 13 19.04 -10.94 15.69
C LEU A 13 17.68 -11.45 16.19
N GLN A 14 17.60 -12.73 16.53
CA GLN A 14 16.34 -13.29 16.98
C GLN A 14 15.95 -12.74 18.35
N LYS A 15 16.93 -12.43 19.19
CA LYS A 15 16.63 -11.83 20.46
C LYS A 15 16.26 -10.36 20.28
N ALA A 16 16.99 -9.68 19.39
CA ALA A 16 16.74 -8.28 19.11
C ALA A 16 15.35 -8.08 18.47
N ALA A 17 14.95 -9.03 17.63
CA ALA A 17 13.62 -8.99 17.00
C ALA A 17 12.53 -9.16 18.05
N VAL A 18 12.69 -10.20 18.87
CA VAL A 18 11.73 -10.49 19.94
C VAL A 18 11.64 -9.30 20.88
N ALA A 19 12.79 -8.76 21.24
CA ALA A 19 12.84 -7.58 22.10
C ALA A 19 12.00 -6.46 21.49
N ALA A 20 12.19 -6.21 20.20
CA ALA A 20 11.55 -5.10 19.45
C ALA A 20 10.04 -5.29 19.34
N ARG A 21 9.64 -6.56 19.26
CA ARG A 21 8.24 -6.96 19.10
C ARG A 21 7.33 -6.44 20.22
N ALA A 22 7.92 -6.18 21.39
CA ALA A 22 7.18 -5.56 22.49
C ALA A 22 6.40 -4.30 22.09
N ASN A 23 6.97 -3.46 21.21
CA ASN A 23 6.34 -2.18 20.78
C ASN A 23 5.37 -2.32 19.60
N SER A 24 5.07 -3.56 19.26
CA SER A 24 4.24 -3.82 18.09
C SER A 24 2.90 -3.17 18.23
N TYR A 25 2.40 -2.56 17.15
CA TYR A 25 1.01 -2.06 17.05
C TYR A 25 0.16 -2.94 16.10
N ALA A 26 -0.37 -4.03 16.65
CA ALA A 26 -1.17 -4.99 15.88
C ALA A 26 -2.51 -5.29 16.53
N PRO A 27 -3.32 -4.23 16.80
CA PRO A 27 -4.62 -4.46 17.46
C PRO A 27 -5.65 -5.18 16.60
N TYR A 28 -5.46 -5.15 15.28
CA TYR A 28 -6.45 -5.72 14.35
C TYR A 28 -6.29 -7.23 14.12
N SER A 29 -5.05 -7.70 13.97
CA SER A 29 -4.79 -9.13 13.78
C SER A 29 -4.47 -9.84 15.11
N ASN A 30 -4.08 -9.07 16.12
CA ASN A 30 -3.57 -9.64 17.37
C ASN A 30 -2.40 -10.57 17.08
N PHE A 31 -1.66 -10.21 16.04
CA PHE A 31 -0.54 -10.99 15.51
C PHE A 31 0.68 -10.03 15.44
N PRO A 32 1.35 -9.84 16.59
CA PRO A 32 2.51 -8.93 16.67
C PRO A 32 3.73 -9.56 15.98
N VAL A 33 4.51 -8.72 15.31
CA VAL A 33 5.73 -9.17 14.65
C VAL A 33 6.90 -8.23 14.95
N GLY A 34 8.09 -8.83 15.17
CA GLY A 34 9.34 -8.06 15.27
C GLY A 34 10.34 -8.53 14.24
N VAL A 35 11.20 -7.60 13.80
CA VAL A 35 12.29 -7.95 12.90
C VAL A 35 13.57 -7.22 13.30
N ALA A 36 14.69 -7.89 13.08
CA ALA A 36 16.01 -7.31 13.32
C ALA A 36 16.92 -7.68 12.16
N GLY A 37 17.78 -6.75 11.78
CA GLY A 37 18.76 -7.00 10.72
C GLY A 37 20.10 -6.28 10.91
N PHE A 38 21.15 -6.80 10.27
CA PHE A 38 22.43 -6.10 10.22
C PHE A 38 22.62 -5.30 8.93
N VAL A 39 23.08 -4.06 9.08
CA VAL A 39 23.50 -3.29 7.91
C VAL A 39 24.97 -3.62 7.61
N ASN A 40 25.38 -3.42 6.34
CA ASN A 40 26.76 -3.71 5.85
C ASN A 40 27.92 -3.05 6.65
N ASP A 41 27.57 -2.19 7.60
CA ASP A 41 28.57 -1.56 8.47
C ASP A 41 28.47 -2.16 9.89
N GLY A 42 27.70 -3.25 10.01
CA GLY A 42 27.63 -3.97 11.28
C GLY A 42 26.58 -3.49 12.27
N ARG A 43 25.94 -2.36 11.99
CA ARG A 43 24.92 -1.86 12.91
C ARG A 43 23.63 -2.66 12.83
N LEU A 44 22.95 -2.73 13.97
CA LEU A 44 21.74 -3.52 14.15
C LEU A 44 20.51 -2.59 14.18
N ILE A 45 19.53 -2.85 13.31
CA ILE A 45 18.27 -2.07 13.23
C ILE A 45 17.08 -3.01 13.39
N THR A 46 15.97 -2.50 13.93
CA THR A 46 14.74 -3.28 14.10
C THR A 46 13.51 -2.58 13.50
N GLY A 47 12.40 -3.31 13.45
CA GLY A 47 11.10 -2.74 13.08
C GLY A 47 9.98 -3.60 13.63
N VAL A 48 8.79 -3.02 13.78
CA VAL A 48 7.58 -3.74 14.27
C VAL A 48 6.47 -3.42 13.29
N ASN A 49 5.41 -4.23 13.30
CA ASN A 49 4.24 -3.96 12.47
C ASN A 49 3.35 -2.93 13.11
N VAL A 50 2.73 -2.13 12.24
CA VAL A 50 1.81 -1.09 12.67
C VAL A 50 0.59 -1.14 11.75
N GLU A 51 -0.50 -1.67 12.30
CA GLU A 51 -1.70 -1.92 11.53
C GLU A 51 -2.52 -0.63 11.49
N ASN A 52 -3.66 -0.66 10.80
CA ASN A 52 -4.48 0.53 10.63
C ASN A 52 -5.88 0.10 10.42
N ALA A 53 -6.85 0.93 10.85
CA ALA A 53 -8.29 0.64 10.69
C ALA A 53 -8.63 0.24 9.23
N SER A 54 -8.01 0.93 8.28
CA SER A 54 -7.98 0.47 6.89
C SER A 54 -6.84 -0.55 6.64
N TYR A 55 -7.22 -1.82 6.58
CA TYR A 55 -6.24 -2.90 6.56
C TYR A 55 -5.05 -2.64 5.65
N GLY A 56 -5.31 -2.29 4.40
CA GLY A 56 -4.26 -2.13 3.40
C GLY A 56 -3.29 -0.98 3.66
N LEU A 57 -3.47 -0.30 4.79
CA LEU A 57 -2.52 0.76 5.15
C LEU A 57 -1.52 0.28 6.23
N ALA A 58 -1.71 -0.95 6.72
CA ALA A 58 -0.78 -1.61 7.65
C ALA A 58 0.65 -1.58 7.16
N LEU A 59 1.57 -1.23 8.05
CA LEU A 59 3.03 -1.33 7.75
C LEU A 59 3.55 -2.62 8.36
N CYS A 60 4.28 -3.40 7.57
CA CYS A 60 4.90 -4.64 8.03
C CYS A 60 6.11 -4.29 8.91
N ALA A 61 6.51 -5.24 9.77
CA ALA A 61 7.79 -5.09 10.52
C ALA A 61 8.98 -4.72 9.63
N GLU A 62 9.14 -5.46 8.54
CA GLU A 62 10.19 -5.20 7.58
C GLU A 62 10.10 -3.77 7.01
N CYS A 63 8.90 -3.24 6.84
CA CYS A 63 8.77 -1.87 6.30
C CYS A 63 9.31 -0.90 7.32
N SER A 64 9.06 -1.19 8.61
CA SER A 64 9.53 -0.30 9.67
C SER A 64 11.06 -0.26 9.77
N MET A 65 11.67 -1.44 9.70
CA MET A 65 13.14 -1.62 9.62
C MET A 65 13.77 -0.87 8.44
N ILE A 66 13.10 -0.90 7.29
CA ILE A 66 13.59 -0.24 6.08
C ILE A 66 13.67 1.26 6.36
N SER A 67 12.61 1.78 6.99
CA SER A 67 12.59 3.16 7.46
C SER A 67 13.70 3.42 8.46
N ALA A 68 13.96 2.43 9.33
CA ALA A 68 15.02 2.62 10.32
C ALA A 68 16.36 2.68 9.61
N LEU A 69 16.52 1.84 8.58
CA LEU A 69 17.77 1.83 7.77
C LEU A 69 18.17 3.24 7.29
N TYR A 70 17.23 3.93 6.64
CA TYR A 70 17.47 5.26 6.07
C TYR A 70 17.54 6.35 7.14
N ALA A 71 16.68 6.28 8.15
CA ALA A 71 16.76 7.22 9.28
C ALA A 71 18.16 7.21 9.90
N THR A 72 18.82 6.06 9.83
CA THR A 72 20.10 5.87 10.51
C THR A 72 21.29 5.98 9.55
N GLY A 73 21.02 6.45 8.33
CA GLY A 73 22.10 6.90 7.44
C GLY A 73 22.33 6.17 6.12
N GLY A 74 21.53 5.12 5.86
CA GLY A 74 21.61 4.36 4.63
C GLY A 74 22.36 3.05 4.82
N GLY A 75 22.82 2.49 3.70
CA GLY A 75 23.56 1.23 3.73
C GLY A 75 22.80 0.13 3.02
N ARG A 76 23.39 -1.05 3.00
CA ARG A 76 22.76 -2.23 2.42
C ARG A 76 22.51 -3.19 3.56
N LEU A 77 21.36 -3.85 3.53
CA LEU A 77 21.07 -4.89 4.51
C LEU A 77 21.88 -6.13 4.15
N VAL A 78 22.33 -6.83 5.18
CA VAL A 78 23.20 -7.98 5.02
C VAL A 78 22.57 -9.26 5.54
N ALA A 79 21.87 -9.16 6.68
CA ALA A 79 21.13 -10.30 7.27
C ALA A 79 19.92 -9.77 8.00
N VAL A 80 18.83 -10.54 7.97
CA VAL A 80 17.52 -10.20 8.55
C VAL A 80 16.84 -11.42 9.23
N TYR A 81 16.24 -11.16 10.40
CA TYR A 81 15.50 -12.17 11.16
C TYR A 81 14.14 -11.61 11.58
N CYS A 82 13.08 -12.21 11.03
CA CYS A 82 11.73 -11.87 11.41
CA CYS A 82 11.70 -11.89 11.38
C CYS A 82 11.16 -12.93 12.35
N VAL A 83 10.46 -12.48 13.41
CA VAL A 83 9.85 -13.38 14.38
C VAL A 83 8.36 -13.12 14.60
N ASP A 84 7.61 -14.18 14.93
CA ASP A 84 6.20 -14.05 15.30
C ASP A 84 6.07 -13.90 16.80
N GLY A 85 4.85 -13.98 17.32
CA GLY A 85 4.59 -13.83 18.76
C GLY A 85 5.26 -14.85 19.69
N ASN A 86 5.59 -16.04 19.15
CA ASN A 86 6.30 -17.10 19.90
C ASN A 86 7.84 -17.03 19.80
N GLY A 87 8.32 -16.23 18.87
CA GLY A 87 9.75 -16.06 18.69
C GLY A 87 10.26 -16.92 17.56
N ASP A 88 9.34 -17.56 16.85
CA ASP A 88 9.72 -18.39 15.70
C ASP A 88 9.97 -17.55 14.45
N SER A 89 10.91 -18.01 13.62
CA SER A 89 11.17 -17.39 12.32
C SER A 89 9.88 -17.26 11.53
N LEU A 90 9.70 -16.11 10.91
CA LEU A 90 8.54 -15.86 10.08
C LEU A 90 9.05 -15.49 8.70
N MET A 91 8.40 -16.00 7.66
CA MET A 91 8.77 -15.65 6.28
C MET A 91 8.28 -14.25 5.89
N PRO A 92 9.13 -13.45 5.23
CA PRO A 92 8.52 -12.19 4.80
C PRO A 92 7.44 -12.35 3.70
N CYS A 93 6.39 -11.56 3.79
CA CYS A 93 5.36 -11.54 2.74
C CYS A 93 6.01 -11.06 1.43
N GLY A 94 5.39 -11.38 0.30
CA GLY A 94 5.95 -11.01 -0.98
C GLY A 94 6.31 -9.54 -1.08
N ARG A 95 5.50 -8.63 -0.55
CA ARG A 95 5.82 -7.19 -0.64
C ARG A 95 7.13 -6.87 0.10
N CYS A 96 7.36 -7.55 1.23
CA CYS A 96 8.54 -7.27 2.03
C CYS A 96 9.82 -7.81 1.39
N ARG A 97 9.64 -8.89 0.63
CA ARG A 97 10.71 -9.48 -0.19
C ARG A 97 11.19 -8.52 -1.24
N GLN A 98 10.27 -7.77 -1.84
CA GLN A 98 10.62 -6.76 -2.80
C GLN A 98 11.33 -5.58 -2.15
N LEU A 99 10.91 -5.22 -0.93
CA LEU A 99 11.63 -4.17 -0.16
C LEU A 99 13.01 -4.66 0.23
N LEU A 100 13.11 -5.90 0.71
CA LEU A 100 14.39 -6.41 1.15
C LEU A 100 15.38 -6.50 -0.03
N TYR A 101 14.84 -6.95 -1.17
CA TYR A 101 15.63 -7.06 -2.37
C TYR A 101 16.16 -5.68 -2.74
N GLU A 102 15.28 -4.69 -2.81
CA GLU A 102 15.73 -3.33 -3.16
C GLU A 102 16.92 -2.83 -2.29
N HIS A 103 16.93 -3.21 -1.01
CA HIS A 103 17.88 -2.63 -0.04
C HIS A 103 19.00 -3.56 0.43
N GLY A 104 18.88 -4.84 0.07
CA GLY A 104 19.90 -5.85 0.35
C GLY A 104 20.45 -6.60 -0.88
N GLY A 105 19.67 -6.59 -1.97
CA GLY A 105 20.06 -7.28 -3.22
C GLY A 105 20.02 -8.78 -3.09
N PRO A 106 20.46 -9.51 -4.16
CA PRO A 106 20.28 -10.97 -4.21
C PRO A 106 21.05 -11.76 -3.14
N GLU A 107 22.09 -11.16 -2.57
CA GLU A 107 22.95 -11.91 -1.64
C GLU A 107 22.61 -11.65 -0.16
N LEU A 108 21.57 -10.84 0.09
CA LEU A 108 21.02 -10.65 1.45
C LEU A 108 20.46 -11.96 2.01
N LYS A 109 20.79 -12.24 3.27
CA LYS A 109 20.39 -13.50 3.89
C LYS A 109 19.23 -13.28 4.85
N ILE A 110 18.33 -14.26 4.87
CA ILE A 110 17.12 -14.24 5.68
C ILE A 110 17.04 -15.58 6.40
N MET A 111 16.68 -15.54 7.68
CA MET A 111 16.41 -16.76 8.43
C MET A 111 14.99 -17.16 8.06
N THR A 112 14.78 -18.43 7.75
CA THR A 112 13.44 -18.92 7.43
C THR A 112 13.17 -20.13 8.32
N PRO A 113 11.89 -20.60 8.42
CA PRO A 113 11.67 -21.83 9.16
C PRO A 113 12.55 -22.98 8.70
N LYS A 114 13.00 -22.94 7.46
CA LYS A 114 13.81 -24.04 6.94
C LYS A 114 15.32 -23.74 6.97
N GLY A 115 15.70 -22.58 7.51
CA GLY A 115 17.11 -22.21 7.56
C GLY A 115 17.41 -20.92 6.83
N VAL A 116 18.68 -20.54 6.80
CA VAL A 116 19.11 -19.35 6.05
C VAL A 116 18.87 -19.57 4.55
N GLN A 117 18.26 -18.58 3.90
CA GLN A 117 18.12 -18.51 2.45
C GLN A 117 18.49 -17.09 2.01
N THR A 118 18.93 -16.95 0.78
CA THR A 118 19.26 -15.65 0.25
C THR A 118 18.00 -15.11 -0.42
N MET A 119 18.00 -13.81 -0.68
CA MET A 119 16.92 -13.17 -1.39
C MET A 119 16.74 -13.74 -2.79
N ALA A 120 17.86 -13.92 -3.49
CA ALA A 120 17.85 -14.57 -4.79
C ALA A 120 17.00 -15.86 -4.77
N GLN A 121 17.09 -16.64 -3.69
CA GLN A 121 16.24 -17.82 -3.53
C GLN A 121 14.79 -17.43 -3.25
N LEU A 122 14.58 -16.45 -2.36
CA LEU A 122 13.23 -16.16 -1.89
C LEU A 122 12.46 -15.23 -2.82
N LEU A 123 13.15 -14.53 -3.71
CA LEU A 123 12.51 -13.71 -4.73
C LEU A 123 13.22 -13.88 -6.09
N PRO A 124 13.13 -15.07 -6.73
CA PRO A 124 13.80 -15.28 -8.02
C PRO A 124 13.50 -14.16 -9.03
N GLN A 125 14.54 -13.65 -9.69
CA GLN A 125 14.38 -12.61 -10.72
C GLN A 125 14.48 -13.18 -12.14
N MET B 5 -34.56 14.71 -14.45
CA MET B 5 -33.86 13.78 -15.41
C MET B 5 -32.41 14.22 -15.62
N GLY B 6 -31.47 13.39 -15.16
CA GLY B 6 -30.04 13.71 -15.20
C GLY B 6 -29.32 13.95 -13.89
N ASP B 7 -30.09 14.04 -12.79
CA ASP B 7 -29.51 14.15 -11.45
C ASP B 7 -28.98 12.78 -11.05
N VAL B 8 -28.05 12.75 -10.11
CA VAL B 8 -27.53 11.49 -9.61
C VAL B 8 -28.61 10.69 -8.87
N ASN B 9 -28.80 9.44 -9.28
CA ASN B 9 -29.69 8.53 -8.56
C ASN B 9 -28.93 7.70 -7.52
N TRP B 10 -28.86 8.23 -6.31
CA TRP B 10 -28.05 7.66 -5.26
C TRP B 10 -28.57 6.29 -4.88
N ASP B 11 -29.85 6.06 -5.15
CA ASP B 11 -30.48 4.79 -4.89
C ASP B 11 -29.94 3.67 -5.79
N THR B 12 -29.66 4.03 -7.05
CA THR B 12 -29.17 3.08 -8.04
C THR B 12 -27.76 2.64 -7.67
N LEU B 13 -26.97 3.62 -7.24
CA LEU B 13 -25.62 3.39 -6.71
C LEU B 13 -25.66 2.49 -5.48
N GLN B 14 -26.54 2.82 -4.54
CA GLN B 14 -26.69 2.04 -3.32
C GLN B 14 -26.99 0.58 -3.64
N LYS B 15 -28.00 0.34 -4.47
CA LYS B 15 -28.42 -1.01 -4.78
C LYS B 15 -27.32 -1.76 -5.58
N ALA B 16 -26.60 -1.04 -6.45
CA ALA B 16 -25.49 -1.62 -7.20
C ALA B 16 -24.28 -1.94 -6.32
N ALA B 17 -23.99 -1.08 -5.36
CA ALA B 17 -22.93 -1.39 -4.39
C ALA B 17 -23.30 -2.62 -3.56
N VAL B 18 -24.59 -2.73 -3.21
CA VAL B 18 -25.07 -3.83 -2.40
C VAL B 18 -24.86 -5.13 -3.14
N ALA B 19 -25.27 -5.16 -4.41
CA ALA B 19 -25.16 -6.37 -5.24
C ALA B 19 -23.70 -6.76 -5.49
N ALA B 20 -22.86 -5.76 -5.76
CA ALA B 20 -21.43 -5.99 -5.94
C ALA B 20 -20.81 -6.65 -4.69
N ARG B 21 -21.23 -6.17 -3.51
CA ARG B 21 -20.74 -6.72 -2.24
C ARG B 21 -20.82 -8.28 -2.18
N ALA B 22 -21.71 -8.86 -2.97
CA ALA B 22 -21.88 -10.32 -2.92
C ALA B 22 -20.55 -11.01 -3.12
N ASN B 23 -19.68 -10.37 -3.89
CA ASN B 23 -18.40 -10.94 -4.31
C ASN B 23 -17.18 -10.53 -3.48
N SER B 24 -17.40 -9.65 -2.52
CA SER B 24 -16.36 -9.25 -1.58
C SER B 24 -15.49 -10.43 -1.09
N TYR B 25 -14.17 -10.23 -1.16
CA TYR B 25 -13.21 -11.13 -0.54
C TYR B 25 -12.65 -10.47 0.69
N ALA B 26 -13.28 -10.71 1.84
CA ALA B 26 -12.79 -10.19 3.11
C ALA B 26 -12.85 -11.23 4.20
N PRO B 27 -12.11 -12.35 4.06
CA PRO B 27 -12.21 -13.40 5.07
C PRO B 27 -11.38 -13.13 6.33
N TYR B 28 -10.61 -12.03 6.37
CA TYR B 28 -9.78 -11.69 7.54
C TYR B 28 -10.46 -10.70 8.50
N SER B 29 -11.24 -9.76 7.96
CA SER B 29 -12.05 -8.89 8.80
C SER B 29 -13.49 -9.40 8.89
N ASN B 30 -13.91 -10.18 7.90
CA ASN B 30 -15.31 -10.58 7.77
C ASN B 30 -16.21 -9.34 7.67
N PHE B 31 -15.65 -8.30 7.03
CA PHE B 31 -16.29 -7.00 6.87
C PHE B 31 -16.37 -6.69 5.34
N PRO B 32 -17.39 -7.23 4.65
CA PRO B 32 -17.52 -7.03 3.20
C PRO B 32 -17.93 -5.61 2.85
N VAL B 33 -17.28 -5.03 1.85
CA VAL B 33 -17.62 -3.70 1.37
C VAL B 33 -17.88 -3.71 -0.15
N GLY B 34 -18.92 -3.02 -0.59
CA GLY B 34 -19.20 -2.83 -2.01
C GLY B 34 -19.10 -1.35 -2.34
N VAL B 35 -18.80 -1.01 -3.59
CA VAL B 35 -18.87 0.39 -3.99
C VAL B 35 -19.39 0.49 -5.41
N ALA B 36 -20.09 1.59 -5.70
CA ALA B 36 -20.58 1.81 -7.05
C ALA B 36 -20.44 3.26 -7.41
N GLY B 37 -20.19 3.57 -8.67
CA GLY B 37 -20.01 4.97 -9.08
C GLY B 37 -20.54 5.27 -10.46
N PHE B 38 -20.92 6.52 -10.69
CA PHE B 38 -21.15 7.00 -12.04
C PHE B 38 -19.90 7.67 -12.62
N VAL B 39 -19.54 7.28 -13.84
CA VAL B 39 -18.47 7.93 -14.60
C VAL B 39 -19.10 9.09 -15.37
N ASN B 40 -18.30 10.05 -15.81
CA ASN B 40 -18.86 11.23 -16.53
C ASN B 40 -19.61 10.93 -17.84
N ASP B 41 -19.44 9.74 -18.41
CA ASP B 41 -20.30 9.30 -19.53
C ASP B 41 -21.65 8.69 -19.09
N GLY B 42 -21.87 8.60 -17.78
CA GLY B 42 -23.07 8.03 -17.23
C GLY B 42 -23.05 6.52 -16.99
N ARG B 43 -21.93 5.86 -17.22
CA ARG B 43 -21.91 4.44 -16.92
C ARG B 43 -21.61 4.15 -15.45
N LEU B 44 -22.06 2.97 -15.03
CA LEU B 44 -21.99 2.50 -13.67
C LEU B 44 -20.88 1.47 -13.52
N ILE B 45 -19.95 1.74 -12.61
CA ILE B 45 -18.86 0.83 -12.34
C ILE B 45 -18.91 0.43 -10.87
N THR B 46 -18.40 -0.76 -10.54
CA THR B 46 -18.47 -1.19 -9.17
C THR B 46 -17.10 -1.73 -8.74
N GLY B 47 -16.87 -1.79 -7.43
CA GLY B 47 -15.75 -2.53 -6.86
C GLY B 47 -16.10 -3.30 -5.60
N VAL B 48 -15.22 -4.17 -5.16
CA VAL B 48 -15.36 -4.80 -3.86
C VAL B 48 -14.00 -4.82 -3.18
N ASN B 49 -13.98 -4.90 -1.84
CA ASN B 49 -12.71 -5.13 -1.16
C ASN B 49 -12.12 -6.55 -1.38
N VAL B 50 -10.78 -6.63 -1.40
CA VAL B 50 -10.06 -7.87 -1.59
C VAL B 50 -8.88 -7.91 -0.62
N GLU B 51 -8.99 -8.80 0.36
CA GLU B 51 -8.04 -8.80 1.46
C GLU B 51 -6.90 -9.76 1.21
N ASN B 52 -5.81 -9.56 1.93
CA ASN B 52 -4.71 -10.48 1.88
C ASN B 52 -4.29 -10.95 3.26
N ALA B 53 -3.72 -12.15 3.30
CA ALA B 53 -3.14 -12.69 4.54
C ALA B 53 -2.16 -11.69 5.15
N SER B 54 -1.40 -11.00 4.30
CA SER B 54 -0.60 -9.83 4.71
C SER B 54 -1.48 -8.57 4.61
N TYR B 55 -1.78 -7.98 5.76
CA TYR B 55 -2.89 -7.03 5.82
C TYR B 55 -2.73 -5.84 4.89
N GLY B 56 -1.50 -5.33 4.79
CA GLY B 56 -1.12 -4.17 3.94
C GLY B 56 -1.20 -4.36 2.42
N LEU B 57 -1.60 -5.55 2.00
CA LEU B 57 -1.74 -5.77 0.57
C LEU B 57 -3.21 -5.88 0.17
N ALA B 58 -4.11 -5.59 1.11
CA ALA B 58 -5.56 -5.57 0.84
C ALA B 58 -5.96 -4.40 -0.06
N LEU B 59 -6.95 -4.63 -0.91
CA LEU B 59 -7.47 -3.61 -1.78
C LEU B 59 -8.84 -3.21 -1.32
N CYS B 60 -9.02 -1.89 -1.15
CA CYS B 60 -10.32 -1.36 -0.75
C CYS B 60 -11.24 -1.52 -1.92
N ALA B 61 -12.54 -1.58 -1.65
CA ALA B 61 -13.54 -1.58 -2.71
C ALA B 61 -13.26 -0.45 -3.70
N GLU B 62 -12.90 0.75 -3.19
CA GLU B 62 -12.71 1.91 -4.08
C GLU B 62 -11.55 1.66 -5.03
N CYS B 63 -10.51 0.97 -4.54
CA CYS B 63 -9.36 0.61 -5.39
C CYS B 63 -9.81 -0.19 -6.62
N SER B 64 -10.54 -1.29 -6.38
CA SER B 64 -11.18 -2.09 -7.38
C SER B 64 -12.09 -1.29 -8.30
N MET B 65 -12.78 -0.29 -7.76
CA MET B 65 -13.59 0.56 -8.63
C MET B 65 -12.72 1.44 -9.57
N ILE B 66 -11.59 1.94 -9.07
CA ILE B 66 -10.65 2.65 -9.91
C ILE B 66 -10.10 1.76 -11.02
N SER B 67 -9.83 0.49 -10.70
CA SER B 67 -9.35 -0.47 -11.68
C SER B 67 -10.40 -0.71 -12.76
N ALA B 68 -11.67 -0.75 -12.37
CA ALA B 68 -12.80 -0.97 -13.29
C ALA B 68 -12.97 0.24 -14.18
N LEU B 69 -12.78 1.43 -13.60
CA LEU B 69 -12.78 2.67 -14.38
C LEU B 69 -11.90 2.55 -15.59
N TYR B 70 -10.61 2.26 -15.38
CA TYR B 70 -9.67 2.13 -16.51
C TYR B 70 -9.88 0.88 -17.35
N ALA B 71 -10.29 -0.25 -16.76
CA ALA B 71 -10.58 -1.45 -17.57
C ALA B 71 -11.66 -1.14 -18.62
N THR B 72 -12.56 -0.22 -18.29
CA THR B 72 -13.68 0.07 -19.15
C THR B 72 -13.47 1.39 -19.89
N GLY B 73 -12.21 1.79 -20.05
CA GLY B 73 -11.90 2.86 -20.97
C GLY B 73 -11.62 4.22 -20.38
N GLY B 74 -11.66 4.34 -19.07
CA GLY B 74 -11.29 5.60 -18.40
C GLY B 74 -12.44 6.57 -18.29
N GLY B 75 -12.09 7.85 -18.15
CA GLY B 75 -13.05 8.92 -17.87
C GLY B 75 -12.88 9.44 -16.45
N ARG B 76 -13.92 10.09 -15.94
CA ARG B 76 -13.89 10.76 -14.63
C ARG B 76 -15.06 10.33 -13.79
N LEU B 77 -14.76 10.08 -12.51
CA LEU B 77 -15.78 9.79 -11.51
C LEU B 77 -16.63 11.02 -11.20
N VAL B 78 -17.94 10.83 -11.03
CA VAL B 78 -18.85 11.93 -10.80
C VAL B 78 -19.68 11.77 -9.48
N ALA B 79 -19.82 10.51 -9.04
CA ALA B 79 -20.68 10.18 -7.92
C ALA B 79 -20.32 8.79 -7.46
N VAL B 80 -20.14 8.62 -6.14
CA VAL B 80 -19.68 7.34 -5.56
C VAL B 80 -20.40 7.02 -4.25
N TYR B 81 -20.79 5.74 -4.08
CA TYR B 81 -21.50 5.27 -2.88
C TYR B 81 -20.90 3.97 -2.40
N CYS B 82 -20.21 4.02 -1.26
CA CYS B 82 -19.62 2.84 -0.66
CA CYS B 82 -19.59 2.84 -0.63
C CYS B 82 -20.55 2.31 0.43
N VAL B 83 -20.75 0.98 0.47
CA VAL B 83 -21.70 0.40 1.46
C VAL B 83 -21.08 -0.71 2.32
N ASP B 84 -21.57 -0.87 3.56
CA ASP B 84 -21.11 -1.98 4.37
C ASP B 84 -22.02 -3.18 4.24
N GLY B 85 -21.89 -4.13 5.18
CA GLY B 85 -22.65 -5.37 5.22
C GLY B 85 -24.12 -5.19 5.49
N ASN B 86 -24.49 -3.97 5.87
CA ASN B 86 -25.90 -3.63 6.11
C ASN B 86 -26.52 -2.72 5.05
N GLY B 87 -25.70 -2.29 4.10
CA GLY B 87 -26.17 -1.42 3.04
C GLY B 87 -26.01 0.04 3.42
N ASP B 88 -25.45 0.31 4.60
CA ASP B 88 -25.32 1.70 5.04
C ASP B 88 -24.10 2.28 4.35
N SER B 89 -24.07 3.60 4.15
CA SER B 89 -22.96 4.22 3.48
C SER B 89 -21.74 4.22 4.37
N LEU B 90 -20.58 4.05 3.73
CA LEU B 90 -19.28 4.10 4.41
C LEU B 90 -18.45 5.27 3.93
N MET B 91 -17.78 5.91 4.88
CA MET B 91 -16.84 6.97 4.57
C MET B 91 -15.56 6.35 4.04
N PRO B 92 -15.09 6.78 2.85
CA PRO B 92 -13.80 6.27 2.33
C PRO B 92 -12.62 6.60 3.24
N CYS B 93 -11.70 5.65 3.39
CA CYS B 93 -10.43 5.83 4.16
C CYS B 93 -9.52 6.79 3.42
N GLY B 94 -8.58 7.39 4.12
CA GLY B 94 -7.78 8.46 3.53
C GLY B 94 -7.11 8.07 2.24
N ARG B 95 -6.69 6.80 2.13
CA ARG B 95 -6.01 6.33 0.94
C ARG B 95 -7.00 6.44 -0.23
N CYS B 96 -8.18 5.87 -0.03
CA CYS B 96 -9.18 5.86 -1.06
C CYS B 96 -9.59 7.28 -1.40
N ARG B 97 -9.52 8.20 -0.44
CA ARG B 97 -9.87 9.60 -0.71
C ARG B 97 -8.94 10.21 -1.76
N GLN B 98 -7.63 10.04 -1.57
CA GLN B 98 -6.62 10.35 -2.61
C GLN B 98 -6.83 9.68 -4.00
N LEU B 99 -7.21 8.40 -4.05
CA LEU B 99 -7.51 7.77 -5.34
C LEU B 99 -8.76 8.42 -5.90
N LEU B 100 -9.75 8.66 -5.05
CA LEU B 100 -10.99 9.24 -5.54
C LEU B 100 -10.75 10.62 -6.09
N TYR B 101 -9.95 11.41 -5.36
CA TYR B 101 -9.67 12.76 -5.76
C TYR B 101 -8.97 12.79 -7.12
N GLU B 102 -8.00 11.89 -7.35
CA GLU B 102 -7.24 11.88 -8.60
C GLU B 102 -8.12 11.56 -9.83
N HIS B 103 -9.13 10.72 -9.64
CA HIS B 103 -9.98 10.27 -10.73
C HIS B 103 -11.34 10.97 -10.77
N GLY B 104 -11.54 11.92 -9.86
CA GLY B 104 -12.80 12.64 -9.72
C GLY B 104 -12.67 14.16 -9.63
N GLY B 105 -11.53 14.65 -9.13
CA GLY B 105 -11.33 16.09 -8.85
C GLY B 105 -12.11 16.56 -7.62
N PRO B 106 -12.02 17.85 -7.28
CA PRO B 106 -12.75 18.40 -6.11
C PRO B 106 -14.29 18.30 -6.18
N GLU B 107 -14.87 18.21 -7.37
CA GLU B 107 -16.33 18.21 -7.54
C GLU B 107 -17.00 16.82 -7.41
N LEU B 108 -16.22 15.75 -7.38
CA LEU B 108 -16.76 14.40 -7.18
C LEU B 108 -17.69 14.41 -5.96
N LYS B 109 -18.90 13.86 -6.12
CA LYS B 109 -19.81 13.65 -4.99
C LYS B 109 -19.62 12.27 -4.35
N ILE B 110 -19.65 12.23 -3.01
CA ILE B 110 -19.52 11.01 -2.25
C ILE B 110 -20.73 10.90 -1.32
N MET B 111 -21.38 9.73 -1.28
CA MET B 111 -22.37 9.50 -0.26
C MET B 111 -21.66 9.15 1.06
N THR B 112 -22.02 9.89 2.11
CA THR B 112 -21.45 9.72 3.46
C THR B 112 -22.59 9.52 4.45
N PRO B 113 -22.27 9.12 5.69
CA PRO B 113 -23.29 9.07 6.74
C PRO B 113 -24.03 10.43 6.99
N LYS B 114 -23.37 11.56 6.71
CA LYS B 114 -23.99 12.88 6.93
C LYS B 114 -24.53 13.47 5.62
N GLY B 115 -24.79 12.59 4.66
CA GLY B 115 -25.31 13.04 3.37
C GLY B 115 -24.21 13.20 2.35
N VAL B 116 -24.58 13.73 1.19
CA VAL B 116 -23.69 14.00 0.06
C VAL B 116 -22.68 15.12 0.38
N GLN B 117 -21.40 14.80 0.22
CA GLN B 117 -20.32 15.77 0.29
C GLN B 117 -19.46 15.67 -0.95
N THR B 118 -18.67 16.72 -1.19
CA THR B 118 -17.69 16.77 -2.28
C THR B 118 -16.29 16.38 -1.78
N MET B 119 -15.41 16.00 -2.71
CA MET B 119 -14.00 15.68 -2.39
C MET B 119 -13.22 16.92 -1.99
N ALA B 120 -13.69 18.09 -2.43
CA ALA B 120 -13.15 19.36 -1.94
C ALA B 120 -13.22 19.40 -0.42
N GLN B 121 -14.37 19.02 0.14
CA GLN B 121 -14.49 19.02 1.60
C GLN B 121 -13.97 17.75 2.31
N LEU B 122 -13.89 16.62 1.62
CA LEU B 122 -13.36 15.38 2.25
C LEU B 122 -11.84 15.26 2.26
N LEU B 123 -11.19 16.03 1.40
CA LEU B 123 -9.75 16.04 1.26
C LEU B 123 -9.23 17.44 0.91
N PRO B 124 -9.31 18.37 1.86
CA PRO B 124 -8.82 19.71 1.56
C PRO B 124 -7.31 19.73 1.31
N GLN B 125 -6.87 20.50 0.33
CA GLN B 125 -5.44 20.71 0.13
C GLN B 125 -5.09 22.21 0.08
N ASP C 7 -2.48 -27.02 -21.21
CA ASP C 7 -3.41 -26.57 -22.31
C ASP C 7 -3.78 -25.08 -22.15
N VAL C 8 -2.76 -24.26 -21.90
CA VAL C 8 -2.94 -22.80 -21.81
C VAL C 8 -2.55 -22.23 -23.17
N ASN C 9 -3.43 -21.45 -23.78
CA ASN C 9 -2.96 -20.77 -24.96
C ASN C 9 -2.26 -19.47 -24.53
N TRP C 10 -0.97 -19.56 -24.26
CA TRP C 10 -0.18 -18.43 -23.80
C TRP C 10 -0.22 -17.24 -24.73
N ASP C 11 -0.42 -17.49 -26.02
CA ASP C 11 -0.48 -16.41 -27.02
C ASP C 11 -1.75 -15.58 -26.88
N THR C 12 -2.86 -16.24 -26.56
CA THR C 12 -4.12 -15.56 -26.31
C THR C 12 -3.98 -14.65 -25.08
N LEU C 13 -3.18 -15.07 -24.10
CA LEU C 13 -2.94 -14.25 -22.90
C LEU C 13 -2.09 -13.03 -23.19
N GLN C 14 -1.02 -13.20 -23.96
CA GLN C 14 -0.18 -12.07 -24.31
C GLN C 14 -0.97 -11.11 -25.17
N LYS C 15 -1.72 -11.63 -26.14
CA LYS C 15 -2.51 -10.72 -26.97
C LYS C 15 -3.54 -9.98 -26.09
N ALA C 16 -4.17 -10.70 -25.17
CA ALA C 16 -5.15 -10.06 -24.30
C ALA C 16 -4.53 -8.99 -23.42
N ALA C 17 -3.31 -9.24 -22.92
CA ALA C 17 -2.64 -8.30 -22.01
C ALA C 17 -2.18 -7.04 -22.72
N VAL C 18 -1.73 -7.21 -23.97
CA VAL C 18 -1.36 -6.11 -24.81
C VAL C 18 -2.59 -5.23 -25.08
N ALA C 19 -3.73 -5.84 -25.40
CA ALA C 19 -4.94 -5.08 -25.70
C ALA C 19 -5.37 -4.31 -24.45
N ALA C 20 -5.50 -5.04 -23.33
CA ALA C 20 -5.83 -4.40 -22.05
C ALA C 20 -4.94 -3.17 -21.77
N ARG C 21 -3.64 -3.31 -22.07
CA ARG C 21 -2.62 -2.31 -21.78
C ARG C 21 -2.94 -0.91 -22.32
N ALA C 22 -3.78 -0.80 -23.35
CA ALA C 22 -4.14 0.49 -23.91
C ALA C 22 -4.79 1.46 -22.88
N ASN C 23 -5.49 0.89 -21.90
CA ASN C 23 -6.24 1.66 -20.91
C ASN C 23 -5.45 1.99 -19.67
N SER C 24 -4.17 1.65 -19.67
CA SER C 24 -3.26 1.89 -18.56
C SER C 24 -3.19 3.36 -18.13
N TYR C 25 -3.24 3.59 -16.81
CA TYR C 25 -3.05 4.93 -16.21
C TYR C 25 -1.66 4.98 -15.53
N ALA C 26 -0.62 5.32 -16.31
CA ALA C 26 0.74 5.48 -15.77
C ALA C 26 1.41 6.84 -16.15
N PRO C 27 0.77 7.95 -15.79
CA PRO C 27 1.33 9.24 -16.23
C PRO C 27 2.65 9.54 -15.57
N TYR C 28 2.90 8.98 -14.39
CA TYR C 28 4.07 9.29 -13.58
C TYR C 28 5.33 8.56 -14.04
N SER C 29 5.22 7.25 -14.27
CA SER C 29 6.35 6.46 -14.75
C SER C 29 6.49 6.46 -16.28
N ASN C 30 5.37 6.70 -16.97
CA ASN C 30 5.20 6.36 -18.40
C ASN C 30 5.58 4.92 -18.78
N PHE C 31 5.35 4.01 -17.85
CA PHE C 31 5.64 2.60 -18.06
C PHE C 31 4.28 1.85 -17.97
N PRO C 32 3.49 1.84 -19.07
CA PRO C 32 2.17 1.19 -18.98
C PRO C 32 2.34 -0.33 -18.88
N VAL C 33 1.43 -1.01 -18.19
CA VAL C 33 1.51 -2.47 -18.08
C VAL C 33 0.14 -3.05 -18.26
N GLY C 34 0.02 -4.18 -18.95
CA GLY C 34 -1.24 -4.91 -18.99
C GLY C 34 -1.04 -6.32 -18.52
N VAL C 35 -2.11 -7.02 -18.14
CA VAL C 35 -1.98 -8.39 -17.65
C VAL C 35 -3.27 -9.08 -18.01
N ALA C 36 -3.22 -10.34 -18.36
CA ALA C 36 -4.40 -11.15 -18.62
C ALA C 36 -4.20 -12.44 -17.87
N GLY C 37 -5.29 -13.08 -17.41
CA GLY C 37 -5.18 -14.38 -16.74
C GLY C 37 -6.35 -15.27 -17.09
N PHE C 38 -6.17 -16.59 -17.00
CA PHE C 38 -7.28 -17.53 -17.14
C PHE C 38 -7.73 -17.94 -15.76
N VAL C 39 -9.04 -18.06 -15.58
CA VAL C 39 -9.59 -18.50 -14.30
C VAL C 39 -9.96 -19.98 -14.49
N ASN C 40 -10.14 -20.71 -13.40
CA ASN C 40 -10.27 -22.17 -13.52
C ASN C 40 -11.49 -22.59 -14.31
N ASP C 41 -12.46 -21.69 -14.46
CA ASP C 41 -13.64 -21.96 -15.30
C ASP C 41 -13.40 -21.59 -16.78
N GLY C 42 -12.19 -21.12 -17.10
CA GLY C 42 -11.83 -20.77 -18.46
C GLY C 42 -11.99 -19.28 -18.86
N ARG C 43 -12.62 -18.47 -18.02
CA ARG C 43 -12.76 -17.10 -18.46
C ARG C 43 -11.46 -16.25 -18.39
N LEU C 44 -11.38 -15.27 -19.28
CA LEU C 44 -10.24 -14.41 -19.40
C LEU C 44 -10.52 -13.08 -18.75
N ILE C 45 -9.64 -12.72 -17.81
CA ILE C 45 -9.71 -11.42 -17.15
C ILE C 45 -8.39 -10.70 -17.40
N THR C 46 -8.40 -9.39 -17.24
CA THR C 46 -7.26 -8.54 -17.49
C THR C 46 -7.23 -7.47 -16.40
N GLY C 47 -6.05 -6.86 -16.21
CA GLY C 47 -5.90 -5.64 -15.43
C GLY C 47 -4.87 -4.70 -16.03
N VAL C 48 -4.90 -3.46 -15.60
CA VAL C 48 -3.90 -2.45 -16.02
C VAL C 48 -3.40 -1.71 -14.78
N ASN C 49 -2.20 -1.17 -14.84
CA ASN C 49 -1.71 -0.37 -13.71
C ASN C 49 -2.37 0.98 -13.62
N VAL C 50 -2.62 1.42 -12.37
CA VAL C 50 -3.20 2.73 -12.15
C VAL C 50 -2.42 3.50 -11.08
N GLU C 51 -1.61 4.43 -11.56
CA GLU C 51 -0.76 5.22 -10.66
C GLU C 51 -1.50 6.32 -9.89
N ASN C 52 -0.75 6.97 -9.02
CA ASN C 52 -1.24 8.03 -8.18
C ASN C 52 -0.09 8.99 -7.93
N ALA C 53 -0.41 10.27 -7.79
CA ALA C 53 0.57 11.31 -7.44
C ALA C 53 1.34 10.97 -6.16
N SER C 54 0.69 10.24 -5.26
CA SER C 54 1.41 9.63 -4.17
C SER C 54 1.74 8.23 -4.61
N TYR C 55 3.04 7.97 -4.82
CA TYR C 55 3.49 6.74 -5.47
C TYR C 55 3.02 5.46 -4.77
N GLY C 56 3.06 5.43 -3.44
CA GLY C 56 2.69 4.24 -2.66
C GLY C 56 1.23 3.85 -2.77
N LEU C 57 0.45 4.77 -3.37
CA LEU C 57 -0.96 4.46 -3.67
C LEU C 57 -1.20 3.78 -5.03
N ALA C 58 -0.16 3.61 -5.84
CA ALA C 58 -0.30 3.05 -7.17
C ALA C 58 -0.72 1.57 -7.12
N LEU C 59 -1.47 1.15 -8.14
CA LEU C 59 -1.99 -0.20 -8.23
C LEU C 59 -1.33 -0.88 -9.40
N CYS C 60 -0.73 -2.05 -9.15
CA CYS C 60 -0.09 -2.80 -10.24
C CYS C 60 -1.23 -3.30 -11.11
N ALA C 61 -0.91 -3.71 -12.34
CA ALA C 61 -1.90 -4.33 -13.22
C ALA C 61 -2.47 -5.63 -12.61
N GLU C 62 -1.65 -6.34 -11.85
CA GLU C 62 -2.13 -7.57 -11.24
C GLU C 62 -3.12 -7.26 -10.12
N CYS C 63 -2.96 -6.10 -9.47
CA CYS C 63 -3.96 -5.66 -8.49
C CYS C 63 -5.33 -5.48 -9.19
N SER C 64 -5.35 -4.78 -10.30
CA SER C 64 -6.56 -4.68 -11.08
C SER C 64 -7.17 -6.03 -11.54
N MET C 65 -6.34 -6.98 -11.91
CA MET C 65 -6.85 -8.25 -12.42
C MET C 65 -7.52 -9.00 -11.29
N ILE C 66 -6.87 -9.00 -10.12
CA ILE C 66 -7.48 -9.53 -8.90
C ILE C 66 -8.87 -8.90 -8.57
N SER C 67 -8.96 -7.55 -8.58
CA SER C 67 -10.23 -6.82 -8.48
C SER C 67 -11.22 -7.39 -9.50
N ALA C 68 -10.79 -7.59 -10.75
CA ALA C 68 -11.70 -8.07 -11.79
C ALA C 68 -12.09 -9.54 -11.59
N LEU C 69 -11.21 -10.30 -10.95
CA LEU C 69 -11.50 -11.68 -10.57
C LEU C 69 -12.77 -11.79 -9.74
N TYR C 70 -12.88 -10.90 -8.75
CA TYR C 70 -13.99 -10.95 -7.84
C TYR C 70 -15.25 -10.30 -8.42
N ALA C 71 -15.11 -9.13 -9.08
CA ALA C 71 -16.22 -8.51 -9.82
C ALA C 71 -17.00 -9.53 -10.63
N THR C 72 -16.27 -10.42 -11.28
CA THR C 72 -16.85 -11.39 -12.20
C THR C 72 -17.17 -12.72 -11.52
N GLY C 73 -17.18 -12.73 -10.19
CA GLY C 73 -17.67 -13.88 -9.42
C GLY C 73 -16.66 -14.83 -8.81
N GLY C 74 -15.40 -14.42 -8.75
CA GLY C 74 -14.37 -15.22 -8.06
C GLY C 74 -13.86 -16.40 -8.84
N GLY C 75 -13.25 -17.34 -8.12
CA GLY C 75 -12.62 -18.53 -8.70
C GLY C 75 -11.13 -18.44 -8.42
N ARG C 76 -10.35 -19.36 -9.00
CA ARG C 76 -8.90 -19.44 -8.79
C ARG C 76 -8.24 -19.13 -10.12
N LEU C 77 -7.22 -18.28 -10.08
CA LEU C 77 -6.36 -18.07 -11.25
C LEU C 77 -5.59 -19.35 -11.63
N VAL C 78 -5.38 -19.53 -12.93
CA VAL C 78 -4.74 -20.74 -13.44
C VAL C 78 -3.50 -20.44 -14.31
N ALA C 79 -3.51 -19.31 -15.00
CA ALA C 79 -2.33 -18.87 -15.74
C ALA C 79 -2.37 -17.36 -15.82
N VAL C 80 -1.21 -16.70 -15.84
CA VAL C 80 -1.14 -15.24 -15.92
C VAL C 80 0.02 -14.75 -16.81
N TYR C 81 -0.19 -13.64 -17.52
CA TYR C 81 0.83 -13.09 -18.37
C TYR C 81 0.77 -11.56 -18.26
N CYS C 82 1.86 -10.97 -17.78
CA CYS C 82 2.01 -9.52 -17.69
CA CYS C 82 2.01 -9.54 -17.65
C CYS C 82 2.95 -9.03 -18.75
N VAL C 83 2.61 -7.91 -19.38
CA VAL C 83 3.41 -7.39 -20.47
C VAL C 83 3.77 -5.93 -20.27
N ASP C 84 4.86 -5.50 -20.89
CA ASP C 84 5.31 -4.12 -20.84
C ASP C 84 4.87 -3.39 -22.12
N GLY C 85 5.24 -2.13 -22.28
CA GLY C 85 4.91 -1.36 -23.50
C GLY C 85 5.36 -1.95 -24.83
N ASN C 86 6.27 -2.94 -24.78
CA ASN C 86 6.72 -3.67 -25.98
C ASN C 86 6.03 -5.01 -26.16
N GLY C 87 5.18 -5.37 -25.20
CA GLY C 87 4.48 -6.64 -25.26
C GLY C 87 5.31 -7.79 -24.71
N ASP C 88 6.42 -7.50 -24.05
CA ASP C 88 7.28 -8.57 -23.50
C ASP C 88 6.88 -8.93 -22.07
N SER C 89 6.97 -10.22 -21.76
CA SER C 89 6.72 -10.70 -20.41
C SER C 89 7.42 -9.89 -19.33
N LEU C 90 6.69 -9.59 -18.27
CA LEU C 90 7.23 -8.95 -17.09
C LEU C 90 7.07 -9.88 -15.89
N MET C 91 8.12 -10.01 -15.08
CA MET C 91 8.02 -10.66 -13.77
C MET C 91 7.18 -9.82 -12.79
N PRO C 92 6.21 -10.46 -12.11
CA PRO C 92 5.45 -9.78 -11.08
C PRO C 92 6.35 -9.39 -9.93
N CYS C 93 6.09 -8.20 -9.37
CA CYS C 93 6.81 -7.75 -8.18
C CYS C 93 6.41 -8.60 -6.95
N GLY C 94 7.13 -8.45 -5.84
CA GLY C 94 6.89 -9.28 -4.67
C GLY C 94 5.47 -9.14 -4.15
N ARG C 95 4.97 -7.89 -4.15
CA ARG C 95 3.62 -7.62 -3.69
C ARG C 95 2.66 -8.44 -4.57
N CYS C 96 2.83 -8.30 -5.87
CA CYS C 96 1.91 -8.95 -6.78
C CYS C 96 2.02 -10.46 -6.67
N ARG C 97 3.19 -10.96 -6.28
CA ARG C 97 3.38 -12.40 -6.08
C ARG C 97 2.53 -12.97 -4.95
N GLN C 98 2.46 -12.23 -3.85
CA GLN C 98 1.60 -12.57 -2.71
C GLN C 98 0.11 -12.56 -3.09
N LEU C 99 -0.34 -11.54 -3.84
CA LEU C 99 -1.73 -11.57 -4.35
C LEU C 99 -2.03 -12.81 -5.18
N LEU C 100 -1.13 -13.18 -6.09
CA LEU C 100 -1.36 -14.28 -7.01
C LEU C 100 -1.27 -15.60 -6.26
N TYR C 101 -0.33 -15.71 -5.34
CA TYR C 101 -0.30 -16.86 -4.46
C TYR C 101 -1.66 -17.06 -3.77
N GLU C 102 -2.21 -15.97 -3.25
CA GLU C 102 -3.46 -15.97 -2.49
C GLU C 102 -4.62 -16.44 -3.36
N HIS C 103 -4.61 -16.05 -4.63
CA HIS C 103 -5.76 -16.34 -5.48
C HIS C 103 -5.56 -17.43 -6.53
N GLY C 104 -4.39 -18.08 -6.50
CA GLY C 104 -4.14 -19.19 -7.41
C GLY C 104 -3.42 -20.35 -6.76
N GLY C 105 -2.79 -20.10 -5.61
CA GLY C 105 -1.96 -21.08 -4.88
C GLY C 105 -0.64 -21.40 -5.57
N PRO C 106 0.05 -22.45 -5.10
CA PRO C 106 1.38 -22.77 -5.62
C PRO C 106 1.39 -23.22 -7.07
N GLU C 107 0.30 -23.81 -7.55
CA GLU C 107 0.24 -24.35 -8.90
C GLU C 107 0.00 -23.30 -10.02
N LEU C 108 -0.36 -22.08 -9.63
CA LEU C 108 -0.66 -21.06 -10.65
C LEU C 108 0.57 -20.88 -11.54
N LYS C 109 0.35 -20.78 -12.85
CA LYS C 109 1.46 -20.60 -13.79
C LYS C 109 1.59 -19.15 -14.22
N ILE C 110 2.83 -18.67 -14.35
CA ILE C 110 3.12 -17.26 -14.73
C ILE C 110 4.13 -17.20 -15.88
N MET C 111 3.84 -16.47 -16.96
CA MET C 111 4.89 -16.28 -17.98
C MET C 111 5.94 -15.38 -17.39
N THR C 112 7.21 -15.73 -17.53
CA THR C 112 8.27 -14.82 -17.12
C THR C 112 9.18 -14.55 -18.30
N PRO C 113 10.06 -13.51 -18.23
CA PRO C 113 11.05 -13.29 -19.30
C PRO C 113 11.83 -14.52 -19.72
N LYS C 114 12.01 -15.48 -18.81
CA LYS C 114 12.77 -16.68 -19.12
C LYS C 114 11.87 -17.90 -19.25
N GLY C 115 10.56 -17.66 -19.39
CA GLY C 115 9.60 -18.74 -19.58
C GLY C 115 8.68 -19.02 -18.40
N VAL C 116 7.88 -20.08 -18.52
CA VAL C 116 6.84 -20.37 -17.55
C VAL C 116 7.43 -20.86 -16.25
N GLN C 117 6.85 -20.38 -15.14
CA GLN C 117 7.25 -20.66 -13.76
C GLN C 117 5.96 -20.78 -12.95
N THR C 118 5.92 -21.68 -12.00
CA THR C 118 4.80 -21.76 -11.05
C THR C 118 4.98 -20.75 -9.90
N MET C 119 3.89 -20.49 -9.18
CA MET C 119 3.94 -19.64 -8.00
C MET C 119 4.77 -20.22 -6.88
N ALA C 120 4.84 -21.55 -6.79
CA ALA C 120 5.71 -22.23 -5.83
C ALA C 120 7.16 -21.81 -6.05
N GLN C 121 7.57 -21.73 -7.31
CA GLN C 121 8.94 -21.35 -7.65
C GLN C 121 9.20 -19.85 -7.46
N LEU C 122 8.17 -19.04 -7.73
CA LEU C 122 8.33 -17.60 -7.74
C LEU C 122 8.24 -17.01 -6.35
N LEU C 123 7.51 -17.67 -5.45
CA LEU C 123 7.44 -17.24 -4.07
C LEU C 123 7.59 -18.48 -3.15
N PRO C 124 8.83 -18.94 -2.95
CA PRO C 124 9.00 -20.13 -2.11
C PRO C 124 8.61 -19.86 -0.66
N GLN C 125 8.11 -20.91 -0.01
CA GLN C 125 7.56 -20.77 1.32
C GLN C 125 8.40 -21.58 2.32
N SER D 4 2.61 29.77 26.72
CA SER D 4 3.65 30.03 25.69
C SER D 4 4.78 29.00 25.79
N MET D 5 5.28 28.79 27.01
CA MET D 5 6.17 27.67 27.27
C MET D 5 5.36 26.38 27.14
N GLY D 6 5.76 25.53 26.19
CA GLY D 6 4.99 24.34 25.90
C GLY D 6 4.17 24.43 24.63
N ASP D 7 4.18 25.61 24.00
CA ASP D 7 3.60 25.74 22.67
C ASP D 7 4.46 24.96 21.70
N VAL D 8 3.89 24.58 20.56
CA VAL D 8 4.67 23.86 19.56
C VAL D 8 5.63 24.83 18.89
N ASN D 9 6.91 24.47 18.89
CA ASN D 9 7.93 25.20 18.14
C ASN D 9 8.05 24.64 16.73
N TRP D 10 7.42 25.32 15.78
CA TRP D 10 7.35 24.83 14.42
C TRP D 10 8.68 24.97 13.66
N ASP D 11 9.44 26.00 14.00
CA ASP D 11 10.85 26.11 13.58
C ASP D 11 11.66 24.84 13.84
N THR D 12 11.56 24.31 15.07
CA THR D 12 12.34 23.14 15.43
C THR D 12 11.95 21.96 14.56
N LEU D 13 10.65 21.73 14.43
CA LEU D 13 10.15 20.68 13.54
C LEU D 13 10.63 20.84 12.07
N GLN D 14 10.63 22.08 11.56
CA GLN D 14 11.00 22.34 10.16
C GLN D 14 12.47 22.06 9.89
N LYS D 15 13.34 22.53 10.80
CA LYS D 15 14.78 22.24 10.76
C LYS D 15 15.06 20.75 10.90
N ALA D 16 14.34 20.08 11.80
CA ALA D 16 14.53 18.62 12.01
C ALA D 16 14.14 17.83 10.77
N ALA D 17 13.05 18.24 10.12
CA ALA D 17 12.58 17.60 8.89
C ALA D 17 13.51 17.86 7.70
N VAL D 18 14.07 19.07 7.58
CA VAL D 18 15.07 19.37 6.56
C VAL D 18 16.26 18.46 6.79
N ALA D 19 16.69 18.36 8.05
CA ALA D 19 17.83 17.53 8.41
C ALA D 19 17.60 16.06 8.04
N ALA D 20 16.45 15.50 8.43
CA ALA D 20 16.19 14.08 8.17
C ALA D 20 16.14 13.80 6.64
N ARG D 21 15.71 14.80 5.89
CA ARG D 21 15.51 14.70 4.43
C ARG D 21 16.81 14.29 3.70
N ALA D 22 17.96 14.58 4.30
CA ALA D 22 19.25 14.14 3.72
C ALA D 22 19.40 12.61 3.57
N ASN D 23 18.65 11.83 4.36
CA ASN D 23 18.70 10.36 4.24
C ASN D 23 17.57 9.78 3.39
N SER D 24 16.80 10.67 2.79
CA SER D 24 15.70 10.28 1.94
C SER D 24 16.14 9.38 0.77
N TYR D 25 15.39 8.33 0.49
CA TYR D 25 15.61 7.43 -0.66
C TYR D 25 14.49 7.62 -1.73
N ALA D 26 14.71 8.57 -2.62
CA ALA D 26 13.74 8.84 -3.67
C ALA D 26 14.31 8.82 -5.12
N PRO D 27 14.96 7.70 -5.52
CA PRO D 27 15.51 7.72 -6.88
C PRO D 27 14.43 7.72 -7.99
N TYR D 28 13.22 7.26 -7.70
CA TYR D 28 12.22 7.06 -8.75
C TYR D 28 11.43 8.31 -9.12
N SER D 29 11.28 9.19 -8.15
CA SER D 29 10.59 10.46 -8.32
C SER D 29 11.57 11.62 -8.33
N ASN D 30 12.73 11.43 -7.70
CA ASN D 30 13.63 12.55 -7.38
C ASN D 30 12.90 13.67 -6.61
N PHE D 31 12.04 13.26 -5.68
CA PHE D 31 11.25 14.16 -4.85
C PHE D 31 11.46 13.71 -3.41
N PRO D 32 12.55 14.20 -2.80
CA PRO D 32 12.86 13.82 -1.41
C PRO D 32 11.97 14.57 -0.38
N VAL D 33 11.61 13.85 0.68
CA VAL D 33 10.72 14.37 1.72
C VAL D 33 11.23 14.00 3.12
N GLY D 34 11.15 14.95 4.03
CA GLY D 34 11.45 14.70 5.42
C GLY D 34 10.26 15.09 6.26
N VAL D 35 10.10 14.45 7.41
CA VAL D 35 9.00 14.79 8.32
C VAL D 35 9.52 14.74 9.74
N ALA D 36 8.90 15.52 10.60
CA ALA D 36 9.31 15.56 11.98
C ALA D 36 8.07 15.83 12.80
N GLY D 37 8.04 15.23 13.99
CA GLY D 37 6.87 15.21 14.85
C GLY D 37 7.27 15.38 16.30
N PHE D 38 6.41 16.04 17.08
CA PHE D 38 6.48 15.96 18.54
C PHE D 38 5.50 14.93 19.05
N VAL D 39 5.94 14.08 19.96
CA VAL D 39 5.06 13.08 20.57
C VAL D 39 4.50 13.73 21.85
N ASN D 40 3.48 13.12 22.45
CA ASN D 40 2.82 13.66 23.63
C ASN D 40 3.67 13.63 24.91
N ASP D 41 4.83 12.96 24.85
CA ASP D 41 5.86 13.07 25.91
C ASP D 41 6.94 14.12 25.61
N GLY D 42 6.77 14.85 24.51
CA GLY D 42 7.72 15.87 24.09
C GLY D 42 8.90 15.48 23.19
N ARG D 43 9.08 14.17 22.94
CA ARG D 43 10.18 13.76 22.06
C ARG D 43 9.92 14.00 20.58
N LEU D 44 11.02 14.29 19.89
CA LEU D 44 11.02 14.57 18.47
C LEU D 44 11.28 13.28 17.71
N ILE D 45 10.39 12.94 16.79
CA ILE D 45 10.65 11.86 15.85
C ILE D 45 10.67 12.35 14.41
N THR D 46 11.23 11.56 13.50
CA THR D 46 11.38 11.94 12.09
C THR D 46 11.14 10.73 11.20
N GLY D 47 11.09 10.97 9.89
CA GLY D 47 10.86 9.94 8.88
C GLY D 47 11.23 10.51 7.53
N VAL D 48 11.68 9.64 6.63
CA VAL D 48 12.01 10.01 5.26
C VAL D 48 11.27 9.07 4.32
N ASN D 49 10.99 9.54 3.10
CA ASN D 49 10.33 8.65 2.16
C ASN D 49 11.28 7.61 1.66
N VAL D 50 10.75 6.41 1.41
CA VAL D 50 11.55 5.33 0.82
C VAL D 50 10.87 4.67 -0.43
N GLU D 51 11.37 5.01 -1.61
CA GLU D 51 10.74 4.54 -2.84
C GLU D 51 11.11 3.10 -3.19
N ASN D 52 10.40 2.53 -4.16
CA ASN D 52 10.68 1.17 -4.60
C ASN D 52 10.40 1.06 -6.10
N ALA D 53 11.06 0.10 -6.73
CA ALA D 53 10.92 -0.15 -8.16
C ALA D 53 9.44 -0.33 -8.53
N SER D 54 8.72 -1.07 -7.68
CA SER D 54 7.25 -1.11 -7.72
C SER D 54 6.74 0.12 -6.98
N TYR D 55 6.22 1.07 -7.75
CA TYR D 55 5.81 2.38 -7.24
C TYR D 55 4.93 2.29 -5.99
N GLY D 56 3.93 1.41 -6.04
CA GLY D 56 3.00 1.24 -4.93
C GLY D 56 3.55 0.59 -3.64
N LEU D 57 4.85 0.27 -3.61
CA LEU D 57 5.48 -0.22 -2.38
C LEU D 57 6.26 0.92 -1.73
N ALA D 58 6.15 2.12 -2.28
CA ALA D 58 6.81 3.28 -1.69
C ALA D 58 6.22 3.57 -0.31
N LEU D 59 7.12 3.90 0.63
CA LEU D 59 6.77 4.39 1.95
C LEU D 59 6.87 5.93 2.01
N CYS D 60 5.83 6.60 2.46
CA CYS D 60 5.90 8.06 2.62
C CYS D 60 6.74 8.38 3.85
N ALA D 61 7.22 9.62 3.93
CA ALA D 61 7.95 10.11 5.09
C ALA D 61 7.13 9.87 6.37
N GLU D 62 5.83 10.14 6.32
CA GLU D 62 4.92 10.01 7.48
C GLU D 62 4.82 8.56 7.97
N CYS D 63 4.76 7.60 7.02
CA CYS D 63 4.91 6.14 7.32
C CYS D 63 6.19 5.86 8.14
N SER D 64 7.32 6.44 7.71
CA SER D 64 8.58 6.11 8.34
C SER D 64 8.53 6.60 9.77
N MET D 65 7.94 7.78 9.93
CA MET D 65 7.82 8.42 11.23
C MET D 65 6.92 7.66 12.18
N ILE D 66 5.80 7.19 11.66
CA ILE D 66 4.93 6.27 12.39
C ILE D 66 5.70 5.04 12.92
N SER D 67 6.48 4.39 12.06
CA SER D 67 7.36 3.29 12.51
C SER D 67 8.33 3.70 13.62
N ALA D 68 8.80 4.96 13.57
CA ALA D 68 9.71 5.44 14.59
C ALA D 68 8.94 5.65 15.90
N LEU D 69 7.69 6.14 15.80
CA LEU D 69 6.84 6.35 16.95
C LEU D 69 6.75 5.08 17.81
N TYR D 70 6.47 3.94 17.15
CA TYR D 70 6.40 2.65 17.83
C TYR D 70 7.77 2.11 18.20
N ALA D 71 8.78 2.31 17.34
CA ALA D 71 10.13 1.83 17.63
C ALA D 71 10.65 2.42 18.95
N THR D 72 10.30 3.68 19.23
CA THR D 72 10.70 4.35 20.46
C THR D 72 9.67 4.29 21.60
N GLY D 73 8.66 3.41 21.53
CA GLY D 73 7.77 3.14 22.68
C GLY D 73 6.31 3.58 22.57
N GLY D 74 5.87 4.01 21.41
CA GLY D 74 4.49 4.42 21.24
C GLY D 74 4.21 5.79 21.79
N GLY D 75 2.94 6.05 22.06
CA GLY D 75 2.52 7.39 22.40
C GLY D 75 1.62 7.93 21.31
N ARG D 76 1.34 9.22 21.37
CA ARG D 76 0.41 9.86 20.48
C ARG D 76 1.13 11.04 19.88
N LEU D 77 0.99 11.20 18.56
CA LEU D 77 1.54 12.35 17.85
C LEU D 77 0.82 13.61 18.26
N VAL D 78 1.56 14.69 18.36
CA VAL D 78 0.95 15.94 18.77
C VAL D 78 1.12 17.06 17.72
N ALA D 79 2.24 17.09 17.02
CA ALA D 79 2.44 18.08 15.96
C ALA D 79 3.37 17.52 14.89
N VAL D 80 3.06 17.80 13.63
CA VAL D 80 3.82 17.24 12.50
C VAL D 80 4.10 18.29 11.44
N TYR D 81 5.32 18.26 10.90
CA TYR D 81 5.76 19.18 9.85
C TYR D 81 6.48 18.37 8.75
N CYS D 82 5.86 18.29 7.56
CA CYS D 82 6.43 17.58 6.43
CA CYS D 82 6.41 17.59 6.40
C CYS D 82 7.06 18.56 5.43
N VAL D 83 8.22 18.19 4.89
CA VAL D 83 8.95 19.09 3.99
C VAL D 83 9.35 18.50 2.64
N ASP D 84 9.40 19.37 1.63
CA ASP D 84 9.90 18.95 0.33
C ASP D 84 11.38 19.37 0.18
N GLY D 85 11.93 19.21 -1.03
CA GLY D 85 13.33 19.52 -1.31
C GLY D 85 13.77 20.97 -1.08
N ASN D 86 12.81 21.89 -1.01
CA ASN D 86 13.11 23.31 -0.73
C ASN D 86 12.89 23.67 0.73
N GLY D 87 12.43 22.69 1.50
CA GLY D 87 12.12 22.90 2.90
C GLY D 87 10.77 23.54 3.13
N ASP D 88 9.98 23.65 2.07
CA ASP D 88 8.64 24.19 2.16
C ASP D 88 7.66 23.14 2.73
N SER D 89 6.61 23.65 3.37
CA SER D 89 5.60 22.82 3.96
C SER D 89 4.93 21.90 2.93
N LEU D 90 4.65 20.67 3.30
CA LEU D 90 4.08 19.73 2.35
C LEU D 90 2.84 19.04 2.91
N MET D 91 1.78 18.96 2.11
CA MET D 91 0.53 18.31 2.55
C MET D 91 0.58 16.77 2.55
N PRO D 92 0.17 16.12 3.64
CA PRO D 92 0.16 14.63 3.64
C PRO D 92 -0.82 14.09 2.60
N CYS D 93 -0.42 13.08 1.85
CA CYS D 93 -1.36 12.46 0.94
C CYS D 93 -2.44 11.78 1.79
N GLY D 94 -3.51 11.35 1.14
CA GLY D 94 -4.65 10.72 1.81
C GLY D 94 -4.28 9.58 2.75
N ARG D 95 -3.40 8.68 2.33
CA ARG D 95 -3.12 7.47 3.12
C ARG D 95 -2.46 7.90 4.41
N CYS D 96 -1.60 8.90 4.28
CA CYS D 96 -0.84 9.40 5.40
C CYS D 96 -1.70 10.15 6.38
N ARG D 97 -2.74 10.85 5.89
CA ARG D 97 -3.70 11.50 6.79
C ARG D 97 -4.41 10.41 7.60
N GLN D 98 -4.70 9.29 6.96
CA GLN D 98 -5.28 8.17 7.71
C GLN D 98 -4.30 7.63 8.79
N LEU D 99 -3.01 7.46 8.49
CA LEU D 99 -2.05 7.02 9.54
C LEU D 99 -2.00 8.02 10.70
N LEU D 100 -1.81 9.29 10.35
CA LEU D 100 -1.73 10.37 11.32
C LEU D 100 -2.96 10.46 12.22
N TYR D 101 -4.13 10.24 11.63
CA TYR D 101 -5.36 10.29 12.35
C TYR D 101 -5.33 9.19 13.38
N GLU D 102 -4.98 8.00 12.94
CA GLU D 102 -4.98 6.86 13.83
C GLU D 102 -3.99 7.04 15.03
N HIS D 103 -2.91 7.81 14.88
CA HIS D 103 -1.90 7.93 15.92
C HIS D 103 -1.84 9.29 16.60
N GLY D 104 -2.65 10.22 16.15
CA GLY D 104 -2.67 11.56 16.73
C GLY D 104 -4.08 12.03 17.05
N GLY D 105 -5.07 11.39 16.41
CA GLY D 105 -6.47 11.77 16.56
C GLY D 105 -6.79 13.12 15.93
N PRO D 106 -8.04 13.61 16.09
CA PRO D 106 -8.53 14.85 15.44
C PRO D 106 -7.81 16.14 15.83
N GLU D 107 -7.12 16.14 16.97
CA GLU D 107 -6.52 17.36 17.51
C GLU D 107 -5.03 17.44 17.19
N LEU D 108 -4.53 16.47 16.43
CA LEU D 108 -3.17 16.53 15.93
C LEU D 108 -2.99 17.79 15.05
N LYS D 109 -1.94 18.56 15.31
CA LYS D 109 -1.62 19.69 14.46
C LYS D 109 -0.63 19.30 13.32
N ILE D 110 -1.01 19.69 12.10
CA ILE D 110 -0.15 19.55 10.93
C ILE D 110 0.17 20.93 10.39
N MET D 111 1.43 21.21 10.09
CA MET D 111 1.74 22.45 9.34
C MET D 111 1.39 22.26 7.85
N THR D 112 0.76 23.27 7.25
CA THR D 112 0.33 23.22 5.84
C THR D 112 0.76 24.50 5.16
N PRO D 113 0.87 24.50 3.80
CA PRO D 113 1.18 25.70 3.03
C PRO D 113 0.38 26.92 3.47
N LYS D 114 -0.82 26.70 4.00
CA LYS D 114 -1.72 27.74 4.51
C LYS D 114 -1.75 27.86 6.05
N GLY D 115 -0.71 27.37 6.72
CA GLY D 115 -0.68 27.44 8.19
C GLY D 115 -1.12 26.16 8.89
N VAL D 116 -1.14 26.20 10.22
CA VAL D 116 -1.46 25.02 11.02
C VAL D 116 -2.92 24.60 10.85
N GLN D 117 -3.15 23.31 10.66
CA GLN D 117 -4.51 22.78 10.58
C GLN D 117 -4.56 21.54 11.46
N THR D 118 -5.76 21.16 11.91
CA THR D 118 -5.87 19.95 12.71
C THR D 118 -6.29 18.81 11.78
N MET D 119 -6.11 17.58 12.24
CA MET D 119 -6.58 16.40 11.50
C MET D 119 -8.09 16.34 11.32
N ALA D 120 -8.84 16.94 12.25
CA ALA D 120 -10.28 17.09 12.09
C ALA D 120 -10.60 17.88 10.82
N GLN D 121 -9.82 18.94 10.59
CA GLN D 121 -9.94 19.73 9.38
C GLN D 121 -9.42 19.02 8.15
N LEU D 122 -8.32 18.28 8.31
CA LEU D 122 -7.68 17.64 7.16
C LEU D 122 -8.30 16.32 6.75
N LEU D 123 -8.89 15.60 7.70
CA LEU D 123 -9.57 14.35 7.38
C LEU D 123 -10.92 14.28 8.10
N PRO D 124 -11.91 15.11 7.69
CA PRO D 124 -13.28 15.09 8.28
C PRO D 124 -13.86 13.70 8.23
N GLN D 125 -14.52 13.28 9.30
CA GLN D 125 -14.97 11.89 9.45
C GLN D 125 -16.49 11.75 9.28
#